data_9HV7
#
_entry.id   9HV7
#
_cell.length_a   62.300
_cell.length_b   62.300
_cell.length_c   117.480
_cell.angle_alpha   90.000
_cell.angle_beta   90.000
_cell.angle_gamma   90.000
#
_symmetry.space_group_name_H-M   'P 43 21 2'
#
loop_
_entity.id
_entity.type
_entity.pdbx_description
1 polymer Tetraspanin-10
2 water water
#
_entity_poly.entity_id   1
_entity_poly.type   'polypeptide(L)'
_entity_poly.pdbx_seq_one_letter_code
;ALWGPLQDSLEHTLRVAIAHYQDDPDLRFLLDQVQLGLRCCGAASYQDWQQNLYFQCSSPGVQACSLPASCCIDPREDGA
SVNDQCGFGVLRLDADAAQRVVYLEGCGPPLRRWLRANLENLYFQ
;
_entity_poly.pdbx_strand_id   A,B
#
# COMPACT_ATOMS: atom_id res chain seq x y z
N GLY A 4 -9.89 -4.22 -14.32
CA GLY A 4 -10.99 -4.31 -15.26
C GLY A 4 -11.99 -3.17 -15.12
N PRO A 5 -13.02 -3.18 -15.97
CA PRO A 5 -13.95 -2.05 -15.99
C PRO A 5 -14.78 -1.91 -14.72
N LEU A 6 -15.12 -3.01 -14.03
CA LEU A 6 -15.87 -2.88 -12.80
C LEU A 6 -15.08 -2.11 -11.74
N GLN A 7 -13.85 -2.55 -11.47
CA GLN A 7 -13.06 -1.85 -10.46
C GLN A 7 -12.74 -0.42 -10.89
N ASP A 8 -12.44 -0.21 -12.17
CA ASP A 8 -12.16 1.14 -12.64
C ASP A 8 -13.35 2.06 -12.40
N SER A 9 -14.56 1.54 -12.64
CA SER A 9 -15.77 2.33 -12.39
C SER A 9 -15.93 2.61 -10.90
N LEU A 10 -15.70 1.61 -10.06
CA LEU A 10 -15.83 1.84 -8.62
C LEU A 10 -14.81 2.86 -8.14
N GLU A 11 -13.60 2.84 -8.69
CA GLU A 11 -12.60 3.79 -8.24
C GLU A 11 -12.90 5.20 -8.73
N HIS A 12 -13.52 5.33 -9.91
CA HIS A 12 -14.05 6.63 -10.34
C HIS A 12 -15.04 7.18 -9.31
N THR A 13 -16.01 6.34 -8.90
CA THR A 13 -16.99 6.79 -7.91
C THR A 13 -16.33 7.18 -6.60
N LEU A 14 -15.35 6.38 -6.14
CA LEU A 14 -14.65 6.69 -4.90
C LEU A 14 -13.91 8.02 -5.01
N ARG A 15 -13.26 8.29 -6.15
CA ARG A 15 -12.58 9.57 -6.33
C ARG A 15 -13.56 10.74 -6.35
N VAL A 16 -14.75 10.55 -6.94
CA VAL A 16 -15.77 11.59 -6.90
C VAL A 16 -16.17 11.88 -5.45
N ALA A 17 -16.38 10.82 -4.68
CA ALA A 17 -16.74 11.00 -3.26
C ALA A 17 -15.64 11.71 -2.49
N ILE A 18 -14.37 11.38 -2.79
CA ILE A 18 -13.25 12.07 -2.13
C ILE A 18 -13.31 13.56 -2.43
N ALA A 19 -13.48 13.91 -3.71
CA ALA A 19 -13.47 15.32 -4.09
C ALA A 19 -14.62 16.09 -3.46
N HIS A 20 -15.77 15.43 -3.29
CA HIS A 20 -16.98 16.09 -2.78
C HIS A 20 -17.28 15.73 -1.34
N TYR A 21 -16.27 15.31 -0.58
CA TYR A 21 -16.49 14.80 0.77
C TYR A 21 -17.14 15.85 1.67
N GLN A 22 -16.73 17.10 1.54
CA GLN A 22 -17.27 18.15 2.39
C GLN A 22 -18.55 18.78 1.88
N ASP A 23 -18.90 18.62 0.59
CA ASP A 23 -20.07 19.32 0.07
C ASP A 23 -21.21 18.40 -0.35
N ASP A 24 -21.10 17.09 -0.17
CA ASP A 24 -22.19 16.17 -0.48
C ASP A 24 -22.34 15.16 0.65
N PRO A 25 -23.31 15.35 1.54
CA PRO A 25 -23.48 14.41 2.67
C PRO A 25 -23.75 12.98 2.25
N ASP A 26 -24.42 12.73 1.11
CA ASP A 26 -24.67 11.36 0.65
C ASP A 26 -23.37 10.66 0.29
N LEU A 27 -22.51 11.33 -0.49
CA LEU A 27 -21.21 10.75 -0.84
C LEU A 27 -20.33 10.60 0.38
N ARG A 28 -20.35 11.58 1.28
CA ARG A 28 -19.57 11.48 2.51
C ARG A 28 -19.97 10.26 3.31
N PHE A 29 -21.27 10.09 3.53
CA PHE A 29 -21.74 8.94 4.31
C PHE A 29 -21.38 7.63 3.63
N LEU A 30 -21.63 7.52 2.33
CA LEU A 30 -21.30 6.31 1.60
C LEU A 30 -19.82 6.01 1.71
N LEU A 31 -18.98 7.02 1.47
CA LEU A 31 -17.55 6.79 1.52
C LEU A 31 -17.10 6.40 2.93
N ASP A 32 -17.64 7.07 3.96
CA ASP A 32 -17.30 6.68 5.32
C ASP A 32 -17.68 5.23 5.59
N GLN A 33 -18.85 4.80 5.12
CA GLN A 33 -19.31 3.45 5.39
C GLN A 33 -18.44 2.41 4.68
N VAL A 34 -18.01 2.72 3.46
CA VAL A 34 -17.13 1.82 2.72
C VAL A 34 -15.75 1.75 3.38
N GLN A 35 -15.18 2.90 3.73
CA GLN A 35 -13.86 2.90 4.35
C GLN A 35 -13.88 2.16 5.69
N LEU A 36 -14.90 2.42 6.52
CA LEU A 36 -15.03 1.74 7.81
C LEU A 36 -15.29 0.25 7.64
N GLY A 37 -16.22 -0.11 6.76
CA GLY A 37 -16.72 -1.47 6.68
C GLY A 37 -15.80 -2.41 5.94
N LEU A 38 -15.16 -1.91 4.88
CA LEU A 38 -14.21 -2.70 4.11
C LEU A 38 -12.76 -2.45 4.52
N ARG A 39 -12.52 -1.60 5.52
CA ARG A 39 -11.20 -1.38 6.10
C ARG A 39 -10.18 -0.95 5.04
N CYS A 40 -10.42 0.26 4.54
CA CYS A 40 -9.68 0.76 3.38
C CYS A 40 -9.74 2.28 3.39
N CYS A 41 -8.89 2.90 2.58
CA CYS A 41 -8.81 4.35 2.56
C CYS A 41 -8.49 4.81 1.13
N GLY A 42 -9.38 5.62 0.56
CA GLY A 42 -9.15 6.16 -0.78
C GLY A 42 -9.76 5.27 -1.86
N ALA A 43 -9.29 5.50 -3.10
CA ALA A 43 -9.80 4.74 -4.24
C ALA A 43 -8.83 3.62 -4.59
N ALA A 44 -7.62 3.99 -5.03
CA ALA A 44 -6.50 3.06 -5.14
C ALA A 44 -5.63 3.02 -3.90
N SER A 45 -5.48 4.14 -3.21
CA SER A 45 -4.63 4.18 -2.02
C SER A 45 -5.00 5.40 -1.20
N TYR A 46 -4.53 5.40 0.05
CA TYR A 46 -4.85 6.47 0.96
C TYR A 46 -4.36 7.82 0.46
N GLN A 47 -3.33 7.84 -0.40
CA GLN A 47 -2.83 9.11 -0.90
C GLN A 47 -3.78 9.76 -1.89
N ASP A 48 -4.86 9.07 -2.29
CA ASP A 48 -5.88 9.71 -3.12
C ASP A 48 -6.52 10.90 -2.42
N TRP A 49 -6.42 10.96 -1.09
CA TRP A 49 -7.00 12.08 -0.34
C TRP A 49 -6.26 13.38 -0.60
N GLN A 50 -5.09 13.32 -1.22
CA GLN A 50 -4.40 14.53 -1.67
C GLN A 50 -5.20 15.30 -2.70
N GLN A 51 -6.21 14.68 -3.31
CA GLN A 51 -7.06 15.36 -4.25
C GLN A 51 -8.23 16.07 -3.59
N ASN A 52 -8.38 15.96 -2.27
CA ASN A 52 -9.42 16.66 -1.53
C ASN A 52 -8.91 18.03 -1.11
N LEU A 53 -9.74 19.07 -1.30
CA LEU A 53 -9.27 20.43 -1.10
C LEU A 53 -8.90 20.72 0.35
N TYR A 54 -9.53 20.04 1.32
CA TYR A 54 -9.22 20.30 2.73
C TYR A 54 -8.12 19.38 3.28
N PHE A 55 -8.08 18.12 2.84
CA PHE A 55 -7.12 17.20 3.42
C PHE A 55 -5.78 17.19 2.70
N GLN A 56 -5.73 17.75 1.49
CA GLN A 56 -4.48 17.79 0.75
C GLN A 56 -3.42 18.52 1.55
N CYS A 57 -2.18 18.05 1.43
CA CYS A 57 -1.12 18.67 2.22
C CYS A 57 -0.85 20.10 1.79
N SER A 58 -1.22 20.46 0.57
CA SER A 58 -0.97 21.82 0.14
C SER A 58 -2.03 22.80 0.64
N SER A 59 -3.05 22.33 1.36
CA SER A 59 -4.10 23.23 1.80
C SER A 59 -3.55 24.09 2.94
N PRO A 60 -4.05 25.32 3.09
CA PRO A 60 -3.61 26.15 4.23
C PRO A 60 -4.40 25.93 5.51
N GLY A 61 -5.45 25.10 5.45
CA GLY A 61 -6.30 24.83 6.59
C GLY A 61 -5.74 23.79 7.56
N VAL A 62 -6.42 23.71 8.71
CA VAL A 62 -5.97 22.86 9.81
C VAL A 62 -5.95 21.39 9.41
N GLN A 63 -6.83 20.97 8.47
CA GLN A 63 -6.90 19.56 8.11
C GLN A 63 -5.87 19.16 7.07
N ALA A 64 -5.02 20.07 6.63
CA ALA A 64 -4.07 19.74 5.56
C ALA A 64 -3.19 18.58 5.99
N CYS A 65 -3.00 17.65 5.05
CA CYS A 65 -2.14 16.48 5.25
C CYS A 65 -2.75 15.50 6.26
N SER A 66 -4.07 15.50 6.41
CA SER A 66 -4.73 14.57 7.32
C SER A 66 -5.68 13.68 6.54
N LEU A 67 -6.23 12.70 7.25
CA LEU A 67 -7.23 11.81 6.70
C LEU A 67 -8.49 11.83 7.55
N PRO A 68 -9.65 11.55 6.95
CA PRO A 68 -10.87 11.39 7.74
C PRO A 68 -10.79 10.16 8.63
N ALA A 69 -11.55 10.20 9.73
CA ALA A 69 -11.44 9.15 10.74
C ALA A 69 -11.85 7.78 10.23
N SER A 70 -12.67 7.72 9.18
CA SER A 70 -13.06 6.42 8.65
C SER A 70 -11.90 5.68 8.00
N CYS A 71 -10.77 6.35 7.76
CA CYS A 71 -9.57 5.67 7.28
C CYS A 71 -8.77 4.99 8.39
N CYS A 72 -9.07 5.24 9.65
CA CYS A 72 -8.22 4.80 10.74
C CYS A 72 -8.42 3.33 11.08
N ILE A 73 -7.32 2.69 11.50
CA ILE A 73 -7.39 1.31 11.99
C ILE A 73 -8.24 1.21 13.24
N ASP A 74 -8.04 2.11 14.20
CA ASP A 74 -8.82 2.07 15.45
C ASP A 74 -10.15 2.79 15.32
N ASP A 84 -13.03 12.90 14.25
CA ASP A 84 -12.06 12.34 15.17
C ASP A 84 -10.64 12.64 14.70
N GLN A 85 -9.68 12.60 15.61
CA GLN A 85 -8.31 13.03 15.35
C GLN A 85 -7.33 11.90 15.05
N CYS A 86 -7.82 10.67 14.88
CA CYS A 86 -6.91 9.55 14.63
C CYS A 86 -6.15 9.71 13.31
N GLY A 87 -6.72 10.41 12.35
CA GLY A 87 -6.05 10.64 11.08
C GLY A 87 -5.28 11.94 10.93
N PHE A 88 -5.14 12.73 12.00
CA PHE A 88 -4.50 14.02 11.85
C PHE A 88 -3.04 13.81 11.43
N GLY A 89 -2.62 14.52 10.38
CA GLY A 89 -1.24 14.54 9.95
C GLY A 89 -0.71 13.29 9.25
N VAL A 90 -1.56 12.29 8.97
CA VAL A 90 -1.02 11.02 8.48
C VAL A 90 -0.54 11.11 7.04
N LEU A 91 -1.04 12.04 6.22
CA LEU A 91 -0.59 12.06 4.82
C LEU A 91 0.85 12.50 4.67
N ARG A 92 1.46 13.06 5.71
CA ARG A 92 2.85 13.47 5.64
C ARG A 92 3.83 12.34 5.94
N LEU A 93 3.36 11.28 6.59
CA LEU A 93 4.21 10.18 6.98
C LEU A 93 4.67 9.39 5.77
N ASP A 94 5.84 8.77 5.90
CA ASP A 94 6.18 7.67 5.02
C ASP A 94 5.13 6.57 5.20
N ALA A 95 4.99 5.74 4.17
CA ALA A 95 3.93 4.73 4.22
C ALA A 95 4.11 3.77 5.39
N ASP A 96 5.36 3.45 5.73
CA ASP A 96 5.59 2.51 6.83
C ASP A 96 5.08 3.06 8.14
N ALA A 97 5.20 4.37 8.36
CA ALA A 97 4.63 5.02 9.53
C ALA A 97 3.12 5.17 9.41
N ALA A 98 2.64 5.55 8.21
CA ALA A 98 1.21 5.74 8.04
C ALA A 98 0.43 4.47 8.31
N GLN A 99 0.99 3.31 7.95
CA GLN A 99 0.22 2.08 8.07
C GLN A 99 0.07 1.63 9.50
N ARG A 100 0.70 2.34 10.44
CA ARG A 100 0.46 2.08 11.85
C ARG A 100 -0.85 2.68 12.32
N VAL A 101 -1.45 3.58 11.53
CA VAL A 101 -2.58 4.36 12.03
C VAL A 101 -3.78 4.26 11.08
N VAL A 102 -3.54 4.16 9.76
CA VAL A 102 -4.63 4.12 8.80
C VAL A 102 -4.39 2.98 7.82
N TYR A 103 -5.48 2.56 7.15
CA TYR A 103 -5.36 1.61 6.06
C TYR A 103 -4.72 2.27 4.85
N LEU A 104 -3.80 1.55 4.21
CA LEU A 104 -3.11 2.13 3.06
C LEU A 104 -3.81 1.84 1.74
N GLU A 105 -4.35 0.65 1.57
CA GLU A 105 -4.91 0.29 0.28
C GLU A 105 -6.27 0.94 0.10
N GLY A 106 -6.55 1.36 -1.13
CA GLY A 106 -7.81 2.01 -1.45
C GLY A 106 -8.96 1.02 -1.41
N CYS A 107 -10.17 1.59 -1.46
CA CYS A 107 -11.37 0.78 -1.36
C CYS A 107 -11.79 0.14 -2.69
N GLY A 108 -11.13 0.49 -3.80
CA GLY A 108 -11.44 -0.12 -5.08
C GLY A 108 -11.46 -1.64 -5.06
N PRO A 109 -10.35 -2.26 -4.67
CA PRO A 109 -10.28 -3.72 -4.68
C PRO A 109 -11.27 -4.36 -3.71
N PRO A 110 -11.34 -3.95 -2.44
CA PRO A 110 -12.32 -4.63 -1.56
C PRO A 110 -13.76 -4.34 -1.95
N LEU A 111 -14.06 -3.17 -2.51
CA LEU A 111 -15.43 -2.91 -2.93
C LEU A 111 -15.79 -3.77 -4.13
N ARG A 112 -14.83 -3.98 -5.04
CA ARG A 112 -15.04 -4.90 -6.15
C ARG A 112 -15.32 -6.31 -5.65
N ARG A 113 -14.56 -6.77 -4.66
CA ARG A 113 -14.79 -8.10 -4.10
C ARG A 113 -16.14 -8.17 -3.41
N TRP A 114 -16.48 -7.14 -2.65
CA TRP A 114 -17.78 -7.12 -1.97
C TRP A 114 -18.92 -7.22 -2.97
N LEU A 115 -18.88 -6.41 -4.03
CA LEU A 115 -19.95 -6.41 -5.01
C LEU A 115 -20.06 -7.78 -5.67
N ARG A 116 -18.93 -8.37 -6.04
CA ARG A 116 -18.95 -9.69 -6.67
C ARG A 116 -19.53 -10.74 -5.73
N ALA A 117 -19.20 -10.67 -4.43
CA ALA A 117 -19.69 -11.66 -3.49
C ALA A 117 -21.18 -11.52 -3.24
N ASN A 118 -21.71 -10.30 -3.34
CA ASN A 118 -23.10 -10.03 -2.96
C ASN A 118 -24.01 -9.78 -4.16
N LEU A 119 -23.47 -9.93 -5.37
CA LEU A 119 -24.19 -9.67 -6.61
C LEU A 119 -25.58 -10.29 -6.61
N GLU A 120 -25.70 -11.54 -6.15
CA GLU A 120 -26.92 -12.30 -6.34
C GLU A 120 -28.07 -11.79 -5.49
N ASN A 121 -27.79 -10.97 -4.48
CA ASN A 121 -28.84 -10.41 -3.64
C ASN A 121 -29.03 -8.92 -3.86
N LEU A 122 -28.52 -8.38 -4.96
CA LEU A 122 -28.67 -6.97 -5.28
C LEU A 122 -29.89 -6.79 -6.17
N TYR A 123 -30.97 -6.27 -5.61
CA TYR A 123 -32.18 -5.92 -6.35
C TYR A 123 -32.46 -4.45 -6.14
N PHE A 124 -33.29 -3.88 -7.03
CA PHE A 124 -33.56 -2.44 -7.05
C PHE A 124 -35.04 -2.21 -7.29
N GLN A 125 -35.64 -1.30 -6.52
CA GLN A 125 -37.03 -0.91 -6.76
C GLN A 125 -37.27 0.53 -6.33
N TRP B 3 8.07 8.65 -10.94
CA TRP B 3 7.62 7.91 -12.11
C TRP B 3 8.58 8.08 -13.28
N GLY B 4 9.80 8.54 -12.98
CA GLY B 4 10.81 8.78 -13.99
C GLY B 4 11.76 7.62 -14.17
N PRO B 5 12.73 7.78 -15.07
CA PRO B 5 13.62 6.64 -15.40
C PRO B 5 14.50 6.19 -14.24
N LEU B 6 14.89 7.07 -13.32
CA LEU B 6 15.69 6.62 -12.18
C LEU B 6 14.93 5.61 -11.33
N GLN B 7 13.72 5.97 -10.91
CA GLN B 7 12.92 5.05 -10.11
C GLN B 7 12.54 3.81 -10.90
N ASP B 8 12.21 3.97 -12.19
CA ASP B 8 11.90 2.80 -12.99
C ASP B 8 13.06 1.82 -13.01
N SER B 9 14.29 2.34 -13.12
CA SER B 9 15.47 1.49 -13.13
C SER B 9 15.66 0.79 -11.79
N LEU B 10 15.47 1.52 -10.69
CA LEU B 10 15.61 0.91 -9.38
C LEU B 10 14.57 -0.18 -9.17
N GLU B 11 13.35 0.04 -9.65
CA GLU B 11 12.32 -0.98 -9.46
C GLU B 11 12.59 -2.20 -10.34
N HIS B 12 13.18 -2.00 -11.53
CA HIS B 12 13.65 -3.14 -12.31
C HIS B 12 14.65 -3.98 -11.51
N THR B 13 15.64 -3.33 -10.89
CA THR B 13 16.64 -4.06 -10.11
C THR B 13 15.99 -4.80 -8.96
N LEU B 14 15.05 -4.15 -8.28
CA LEU B 14 14.35 -4.80 -7.17
C LEU B 14 13.60 -6.04 -7.64
N ARG B 15 12.98 -5.98 -8.81
CA ARG B 15 12.25 -7.16 -9.31
C ARG B 15 13.20 -8.28 -9.68
N VAL B 16 14.38 -7.97 -10.22
CA VAL B 16 15.38 -8.99 -10.48
C VAL B 16 15.79 -9.66 -9.17
N ALA B 17 16.01 -8.86 -8.13
CA ALA B 17 16.39 -9.40 -6.82
C ALA B 17 15.29 -10.29 -6.25
N ILE B 18 14.03 -9.88 -6.39
CA ILE B 18 12.90 -10.70 -5.92
C ILE B 18 12.93 -12.06 -6.61
N ALA B 19 13.05 -12.05 -7.94
CA ALA B 19 12.99 -13.29 -8.69
C ALA B 19 14.16 -14.21 -8.36
N HIS B 20 15.34 -13.65 -8.14
CA HIS B 20 16.56 -14.42 -7.90
C HIS B 20 16.93 -14.46 -6.42
N TYR B 21 15.97 -14.24 -5.53
CA TYR B 21 16.26 -14.12 -4.12
C TYR B 21 16.92 -15.38 -3.55
N GLN B 22 16.48 -16.57 -4.01
CA GLN B 22 17.04 -17.80 -3.48
C GLN B 22 18.31 -18.28 -4.18
N ASP B 23 18.61 -17.79 -5.39
CA ASP B 23 19.75 -18.32 -6.11
C ASP B 23 20.89 -17.32 -6.29
N ASP B 24 20.75 -16.11 -5.76
CA ASP B 24 21.85 -15.14 -5.80
C ASP B 24 21.99 -14.51 -4.42
N PRO B 25 22.95 -14.99 -3.62
CA PRO B 25 23.14 -14.43 -2.27
C PRO B 25 23.42 -12.95 -2.25
N ASP B 26 24.06 -12.42 -3.30
CA ASP B 26 24.37 -10.99 -3.33
C ASP B 26 23.09 -10.16 -3.43
N LEU B 27 22.19 -10.56 -4.34
CA LEU B 27 20.91 -9.87 -4.48
C LEU B 27 20.04 -10.07 -3.25
N ARG B 28 20.07 -11.27 -2.67
CA ARG B 28 19.33 -11.51 -1.44
C ARG B 28 19.75 -10.56 -0.34
N PHE B 29 21.06 -10.44 -0.11
CA PHE B 29 21.56 -9.56 0.94
C PHE B 29 21.17 -8.11 0.65
N LEU B 30 21.38 -7.65 -0.59
CA LEU B 30 21.05 -6.28 -0.96
C LEU B 30 19.57 -6.01 -0.74
N LEU B 31 18.72 -6.90 -1.22
CA LEU B 31 17.29 -6.70 -1.09
C LEU B 31 16.87 -6.68 0.38
N ASP B 32 17.41 -7.61 1.19
CA ASP B 32 17.10 -7.60 2.62
C ASP B 32 17.52 -6.28 3.26
N GLN B 33 18.69 -5.76 2.88
CA GLN B 33 19.17 -4.50 3.45
C GLN B 33 18.25 -3.34 3.08
N VAL B 34 17.76 -3.33 1.84
CA VAL B 34 16.84 -2.28 1.39
C VAL B 34 15.50 -2.40 2.12
N GLN B 35 14.92 -3.61 2.17
CA GLN B 35 13.62 -3.78 2.80
C GLN B 35 13.69 -3.49 4.30
N LEU B 36 14.72 -4.01 4.98
CA LEU B 36 14.87 -3.75 6.41
C LEU B 36 15.11 -2.28 6.68
N GLY B 37 16.02 -1.67 5.91
CA GLY B 37 16.51 -0.35 6.26
C GLY B 37 15.57 0.76 5.87
N LEU B 38 14.92 0.63 4.71
CA LEU B 38 13.96 1.62 4.21
C LEU B 38 12.52 1.28 4.57
N ARG B 39 12.28 0.16 5.27
CA ARG B 39 10.97 -0.23 5.80
C ARG B 39 9.92 -0.31 4.69
N CYS B 40 10.15 -1.28 3.81
CA CYS B 40 9.38 -1.40 2.57
C CYS B 40 9.45 -2.85 2.13
N CYS B 41 8.56 -3.22 1.21
CA CYS B 41 8.50 -4.61 0.74
C CYS B 41 8.17 -4.63 -0.73
N GLY B 42 9.07 -5.23 -1.53
CA GLY B 42 8.85 -5.38 -2.96
C GLY B 42 9.39 -4.20 -3.73
N ALA B 43 8.95 -4.09 -4.98
CA ALA B 43 9.40 -3.02 -5.87
C ALA B 43 8.38 -1.88 -5.87
N ALA B 44 7.17 -2.14 -6.35
CA ALA B 44 6.04 -1.23 -6.17
C ALA B 44 5.22 -1.54 -4.94
N SER B 45 5.11 -2.82 -4.58
CA SER B 45 4.31 -3.20 -3.43
C SER B 45 4.69 -4.62 -3.01
N TYR B 46 4.22 -4.97 -1.82
CA TYR B 46 4.58 -6.26 -1.25
C TYR B 46 4.08 -7.41 -2.12
N GLN B 47 3.02 -7.19 -2.91
CA GLN B 47 2.53 -8.27 -3.75
C GLN B 47 3.47 -8.62 -4.89
N ASP B 48 4.53 -7.82 -5.12
CA ASP B 48 5.54 -8.22 -6.09
C ASP B 48 6.19 -9.55 -5.74
N TRP B 49 6.13 -9.97 -4.47
CA TRP B 49 6.74 -11.23 -4.07
C TRP B 49 6.03 -12.44 -4.66
N GLN B 50 4.84 -12.26 -5.23
CA GLN B 50 4.21 -13.36 -5.96
C GLN B 50 5.07 -13.82 -7.13
N GLN B 51 6.01 -12.98 -7.59
CA GLN B 51 6.83 -13.40 -8.73
C GLN B 51 8.02 -14.24 -8.34
N ASN B 52 8.27 -14.41 -7.04
CA ASN B 52 9.30 -15.34 -6.61
C ASN B 52 8.66 -16.70 -6.44
N LEU B 53 9.28 -17.74 -7.03
CA LEU B 53 8.65 -19.06 -7.06
C LEU B 53 8.54 -19.69 -5.68
N TYR B 54 9.40 -19.32 -4.72
CA TYR B 54 9.27 -19.93 -3.40
C TYR B 54 8.19 -19.27 -2.58
N PHE B 55 7.99 -17.96 -2.74
CA PHE B 55 7.01 -17.25 -1.96
C PHE B 55 5.66 -17.17 -2.64
N GLN B 56 5.61 -17.47 -3.94
CA GLN B 56 4.37 -17.43 -4.70
C GLN B 56 3.31 -18.38 -4.13
N CYS B 57 2.06 -17.95 -4.17
CA CYS B 57 0.95 -18.79 -3.73
C CYS B 57 0.68 -19.89 -4.75
N SER B 58 1.54 -20.92 -4.86
CA SER B 58 1.35 -21.88 -5.95
C SER B 58 1.94 -23.27 -5.71
N SER B 59 2.44 -23.53 -4.51
CA SER B 59 3.15 -24.78 -4.27
C SER B 59 2.92 -25.22 -2.83
N PRO B 60 3.18 -26.48 -2.52
CA PRO B 60 3.13 -26.94 -1.12
C PRO B 60 4.35 -26.58 -0.30
N GLY B 61 5.26 -25.75 -0.80
CA GLY B 61 6.45 -25.46 -0.04
C GLY B 61 6.16 -24.58 1.16
N VAL B 62 7.10 -24.57 2.10
CA VAL B 62 6.89 -23.96 3.41
C VAL B 62 6.65 -22.45 3.29
N GLN B 63 7.30 -21.80 2.33
CA GLN B 63 7.24 -20.36 2.16
C GLN B 63 6.13 -19.90 1.22
N ALA B 64 5.32 -20.80 0.69
CA ALA B 64 4.31 -20.40 -0.28
C ALA B 64 3.33 -19.41 0.32
N CYS B 65 2.99 -18.38 -0.46
CA CYS B 65 2.03 -17.34 -0.07
C CYS B 65 2.54 -16.52 1.12
N SER B 66 3.86 -16.39 1.23
CA SER B 66 4.49 -15.70 2.34
C SER B 66 5.41 -14.59 1.85
N LEU B 67 5.96 -13.84 2.81
CA LEU B 67 6.96 -12.82 2.53
C LEU B 67 8.22 -13.13 3.31
N PRO B 68 9.38 -12.72 2.82
CA PRO B 68 10.60 -12.87 3.62
C PRO B 68 10.58 -11.94 4.83
N ALA B 69 11.36 -12.33 5.86
CA ALA B 69 11.31 -11.63 7.14
C ALA B 69 11.74 -10.18 7.04
N SER B 70 12.54 -9.81 6.03
CA SER B 70 12.92 -8.41 5.91
C SER B 70 11.75 -7.50 5.53
N CYS B 71 10.60 -8.06 5.12
CA CYS B 71 9.38 -7.28 4.92
C CYS B 71 8.61 -7.01 6.22
N CYS B 72 8.99 -7.64 7.32
CA CYS B 72 8.16 -7.55 8.52
C CYS B 72 8.36 -6.23 9.25
N ILE B 73 7.26 -5.77 9.86
CA ILE B 73 7.30 -4.57 10.70
C ILE B 73 8.18 -4.83 11.91
N ASP B 74 9.04 -3.86 12.23
CA ASP B 74 9.93 -3.92 13.39
C ASP B 74 10.77 -5.19 13.42
N ASN B 83 10.92 -15.10 14.84
CA ASN B 83 11.22 -13.95 14.00
C ASN B 83 11.21 -14.33 12.52
N ASP B 84 11.84 -15.45 12.17
CA ASP B 84 12.03 -15.80 10.76
C ASP B 84 10.72 -16.07 10.04
N GLN B 85 9.67 -16.47 10.75
CA GLN B 85 8.39 -16.81 10.13
C GLN B 85 7.39 -15.66 10.19
N CYS B 86 7.84 -14.46 10.51
CA CYS B 86 6.94 -13.33 10.71
C CYS B 86 6.14 -13.01 9.44
N GLY B 87 6.66 -13.36 8.28
CA GLY B 87 5.96 -13.11 7.03
C GLY B 87 5.10 -14.26 6.54
N PHE B 88 4.95 -15.29 7.36
CA PHE B 88 4.22 -16.48 6.93
C PHE B 88 2.78 -16.19 6.52
N GLY B 89 2.43 -16.68 5.33
CA GLY B 89 1.05 -16.67 4.88
C GLY B 89 0.48 -15.31 4.56
N VAL B 90 1.28 -14.24 4.61
CA VAL B 90 0.72 -12.90 4.55
C VAL B 90 0.16 -12.59 3.16
N LEU B 91 0.67 -13.26 2.12
CA LEU B 91 0.14 -12.97 0.79
C LEU B 91 -1.29 -13.45 0.59
N ARG B 92 -1.80 -14.29 1.49
CA ARG B 92 -3.18 -14.77 1.45
C ARG B 92 -4.16 -13.77 2.04
N LEU B 93 -3.68 -12.74 2.73
CA LEU B 93 -4.51 -11.85 3.52
C LEU B 93 -5.02 -10.68 2.70
N ASP B 94 -6.19 -10.16 3.11
CA ASP B 94 -6.58 -8.82 2.71
C ASP B 94 -5.52 -7.83 3.16
N ALA B 95 -5.42 -6.71 2.44
CA ALA B 95 -4.35 -5.75 2.73
C ALA B 95 -4.46 -5.17 4.13
N ASP B 96 -5.68 -4.98 4.63
CA ASP B 96 -5.86 -4.43 5.97
C ASP B 96 -5.31 -5.37 7.03
N ALA B 97 -5.40 -6.68 6.82
CA ALA B 97 -4.76 -7.62 7.74
C ALA B 97 -3.25 -7.67 7.53
N ALA B 98 -2.82 -7.70 6.27
CA ALA B 98 -1.40 -7.82 5.98
C ALA B 98 -0.59 -6.66 6.60
N GLN B 99 -1.15 -5.45 6.62
CA GLN B 99 -0.36 -4.29 7.04
C GLN B 99 -0.14 -4.25 8.54
N ARG B 100 -0.77 -5.15 9.29
CA ARG B 100 -0.48 -5.30 10.70
C ARG B 100 0.80 -6.11 10.92
N VAL B 101 1.34 -6.73 9.86
CA VAL B 101 2.44 -7.68 9.97
C VAL B 101 3.64 -7.28 9.12
N VAL B 102 3.41 -6.76 7.91
CA VAL B 102 4.49 -6.42 6.99
C VAL B 102 4.22 -5.04 6.39
N TYR B 103 5.28 -4.44 5.85
CA TYR B 103 5.18 -3.19 5.09
C TYR B 103 4.52 -3.47 3.75
N LEU B 104 3.57 -2.61 3.35
CA LEU B 104 2.86 -2.84 2.09
C LEU B 104 3.50 -2.14 0.90
N GLU B 105 4.02 -0.93 1.07
CA GLU B 105 4.51 -0.17 -0.08
C GLU B 105 5.89 -0.65 -0.49
N GLY B 106 6.13 -0.66 -1.79
CA GLY B 106 7.39 -1.14 -2.33
C GLY B 106 8.56 -0.22 -2.05
N CYS B 107 9.76 -0.75 -2.33
CA CYS B 107 10.99 -0.03 -2.03
C CYS B 107 11.40 0.95 -3.13
N GLY B 108 10.73 0.95 -4.27
CA GLY B 108 11.04 1.86 -5.34
C GLY B 108 11.14 3.32 -4.90
N PRO B 109 10.07 3.85 -4.32
CA PRO B 109 10.06 5.26 -3.93
C PRO B 109 11.12 5.58 -2.89
N PRO B 110 11.20 4.85 -1.76
CA PRO B 110 12.23 5.23 -0.78
C PRO B 110 13.65 4.98 -1.25
N LEU B 111 13.87 3.98 -2.11
CA LEU B 111 15.22 3.78 -2.63
C LEU B 111 15.61 4.90 -3.58
N ARG B 112 14.65 5.43 -4.35
CA ARG B 112 14.93 6.62 -5.17
C ARG B 112 15.33 7.81 -4.29
N ARG B 113 14.61 8.03 -3.20
CA ARG B 113 14.92 9.12 -2.28
C ARG B 113 16.28 8.92 -1.64
N TRP B 114 16.60 7.67 -1.28
CA TRP B 114 17.90 7.36 -0.71
C TRP B 114 19.03 7.66 -1.69
N LEU B 115 18.89 7.19 -2.92
CA LEU B 115 19.93 7.42 -3.91
C LEU B 115 20.15 8.92 -4.15
N ARG B 116 19.05 9.67 -4.27
CA ARG B 116 19.18 11.11 -4.49
C ARG B 116 19.87 11.79 -3.31
N ALA B 117 19.57 11.36 -2.09
CA ALA B 117 20.17 11.99 -0.93
C ALA B 117 21.65 11.63 -0.81
N ASN B 118 22.03 10.46 -1.28
CA ASN B 118 23.38 9.95 -1.08
C ASN B 118 24.25 10.06 -2.32
N LEU B 119 23.74 10.68 -3.40
CA LEU B 119 24.48 10.77 -4.65
C LEU B 119 25.92 11.23 -4.43
N GLU B 120 26.12 12.29 -3.65
CA GLU B 120 27.44 12.88 -3.50
C GLU B 120 28.37 12.06 -2.62
N ASN B 121 27.85 11.11 -1.83
CA ASN B 121 28.73 10.28 -1.00
C ASN B 121 28.77 8.83 -1.48
N LEU B 122 28.40 8.59 -2.74
CA LEU B 122 28.59 7.28 -3.36
C LEU B 122 29.93 7.28 -4.05
N TYR B 123 30.90 6.58 -3.46
CA TYR B 123 32.26 6.58 -3.94
C TYR B 123 32.53 5.29 -4.69
N PHE B 124 33.15 5.40 -5.86
CA PHE B 124 33.57 4.25 -6.64
C PHE B 124 35.08 4.34 -6.82
N GLN B 125 35.77 3.24 -6.57
CA GLN B 125 37.21 3.18 -6.81
C GLN B 125 37.61 1.74 -7.12
#